data_8CSY
#
_entry.id   8CSY
#
_cell.length_a   1.00
_cell.length_b   1.00
_cell.length_c   1.00
_cell.angle_alpha   90.00
_cell.angle_beta   90.00
_cell.angle_gamma   90.00
#
_symmetry.space_group_name_H-M   'P 1'
#
loop_
_entity.id
_entity.type
_entity.pdbx_description
1 polymer 'Band 3 anion transport protein'
2 water water
#
_entity_poly.entity_id   1
_entity_poly.type   'polypeptide(L)'
_entity_poly.pdbx_seq_one_letter_code
;MEELQDDYEDMMEENLEQEEYEDPDIPESQMEEPAAHDTEATATDYHTTSHPGTHKVYVELQELVMDEKNQELRWMEAAR
WVQLEENLGENGAWGRPHLSHLTFWSLLELRRVFTKGTVLLDLQETSLAGVANQLLDRFIFEDQIRPQDREELLRALLLK
HSHAGELEALGGVKPAVLTRSGDPSQPLLPQHSSLETQLFCEQGDGGTEGHSPSGILEKIPPDSEATLVLVGRADFLEQP
VLGFVRLQEAAELEAVELPVPIRFLFVLLGPEAPHIDYTQLGRAAATLMSERVFRIDAYMAQSRGELLHSLEGFLDCSLV
LPPTDAPSEQALLSLVPVQRELLRRRYQSSPAKPDSSFYKGLDLNGGPDDPLQQTGQLFGGLVRDIRRRYPYYLSDITDA
FSPQVLAAVIFIYFAALSPAITFGGLLGEKTRNQMGVSELLISTAVQGILFALLGAQPLLVVGFSGPLLVFEEAFFSFCE
TNGLEYIVGRVWIGFWLILLVVLVVAFEGSFLVRFISRYTQEIFSFLISLIFIYETFSKLIKIFQDHPLQKTYNYNVLMV
PKPQGPLPNTALLSLVLMAGTFFFAMMLRKFKNSSYFPGKLRRVIGDFGVPISILIMVLVDFFIQDTYTQKLSVPDGFKV
SNSSARGWVIHPLGLRSEFPIWMMFASALPALLVFILIFLESQITTLIVSKPERKMVKGSGFHLDLLLVVGMGGVAALFG
MPWLSATTVRSVTHANALTVMGKASTPGAAAQIQEVKEQRISGLLVAVLVGLSILMEPILSRIPLAVLFGIFLYMGVTSL
SGIQLFDRILLLFKPPKYHPDVPYVKRVKTWRMHLFTGIQIICLAVLWVVKSTPASLALPFVLILTVPLRRVLLPLIFRN
VELQCLDADDAKATFDEEEGRDEYDEVAMPV
;
_entity_poly.pdbx_strand_id   E,C
#
# COMPACT_ATOMS: atom_id res chain seq x y z
N LYS A 56 -20.11 13.01 -13.85
CA LYS A 56 -18.77 13.48 -13.50
C LYS A 56 -18.86 14.82 -12.77
N VAL A 57 -18.07 14.98 -11.72
CA VAL A 57 -18.12 16.17 -10.88
C VAL A 57 -16.75 16.83 -10.83
N TYR A 58 -16.72 18.01 -10.25
CA TYR A 58 -15.51 18.81 -10.10
C TYR A 58 -15.00 18.70 -8.67
N VAL A 59 -13.73 18.34 -8.52
CA VAL A 59 -13.08 18.27 -7.22
C VAL A 59 -11.86 19.19 -7.28
N GLU A 60 -11.73 20.04 -6.27
CA GLU A 60 -10.62 21.00 -6.19
C GLU A 60 -9.82 20.74 -4.92
N LEU A 61 -8.49 20.76 -5.05
CA LEU A 61 -7.58 20.55 -3.94
C LEU A 61 -6.83 21.83 -3.65
N GLN A 62 -6.87 22.29 -2.41
CA GLN A 62 -6.15 23.48 -1.98
C GLN A 62 -5.25 23.11 -0.81
N GLU A 63 -4.05 23.67 -0.80
CA GLU A 63 -3.06 23.41 0.24
C GLU A 63 -2.75 24.69 0.99
N LEU A 64 -2.63 24.58 2.31
CA LEU A 64 -2.23 25.71 3.13
C LEU A 64 -0.76 26.03 2.86
N VAL A 65 -0.52 27.14 2.16
CA VAL A 65 0.82 27.55 1.75
C VAL A 65 1.02 28.99 2.15
N MET A 66 2.26 29.47 1.97
CA MET A 66 2.59 30.86 2.22
C MET A 66 3.22 31.46 0.96
N ASP A 67 2.93 32.72 0.70
CA ASP A 67 3.54 33.38 -0.44
C ASP A 67 4.96 33.82 -0.10
N GLU A 68 5.65 34.35 -1.12
CA GLU A 68 7.03 34.79 -0.94
C GLU A 68 7.17 36.30 -0.86
N LYS A 69 6.25 37.05 -1.48
CA LYS A 69 6.36 38.51 -1.48
C LYS A 69 5.98 39.13 -0.15
N ASN A 70 5.05 38.52 0.59
CA ASN A 70 4.65 39.02 1.89
C ASN A 70 4.82 38.01 3.03
N GLN A 71 5.21 36.77 2.71
CA GLN A 71 5.36 35.70 3.71
C GLN A 71 4.07 35.49 4.49
N GLU A 72 2.94 35.60 3.80
CA GLU A 72 1.62 35.47 4.42
C GLU A 72 1.01 34.13 4.01
N LEU A 73 0.53 33.39 5.00
CA LEU A 73 -0.05 32.08 4.72
C LEU A 73 -1.49 32.22 4.24
N ARG A 74 -1.84 31.42 3.23
CA ARG A 74 -3.15 31.47 2.60
C ARG A 74 -3.38 30.13 1.90
N TRP A 75 -4.58 29.95 1.37
CA TRP A 75 -4.93 28.74 0.65
C TRP A 75 -4.76 28.97 -0.84
N MET A 76 -4.04 28.06 -1.50
CA MET A 76 -3.81 28.11 -2.93
C MET A 76 -4.13 26.75 -3.52
N GLU A 77 -4.88 26.73 -4.62
CA GLU A 77 -5.26 25.47 -5.24
C GLU A 77 -4.05 24.79 -5.85
N ALA A 78 -3.95 23.48 -5.62
CA ALA A 78 -2.83 22.70 -6.13
C ALA A 78 -3.21 21.75 -7.26
N ALA A 79 -4.45 21.27 -7.30
CA ALA A 79 -4.87 20.32 -8.32
C ALA A 79 -6.38 20.34 -8.41
N ARG A 80 -6.89 19.97 -9.58
CA ARG A 80 -8.33 19.89 -9.78
C ARG A 80 -8.66 18.64 -10.58
N TRP A 81 -9.85 18.11 -10.34
CA TRP A 81 -10.35 16.92 -11.01
C TRP A 81 -11.68 17.23 -11.66
N VAL A 82 -11.77 17.04 -12.97
CA VAL A 82 -13.05 16.79 -13.65
C VAL A 82 -12.86 15.45 -14.35
N GLN A 83 -12.94 14.36 -13.58
CA GLN A 83 -12.78 12.97 -14.00
C GLN A 83 -11.35 12.66 -14.46
N LEU A 84 -10.57 13.72 -14.72
CA LEU A 84 -9.14 13.64 -14.95
C LEU A 84 -8.45 14.65 -14.04
N GLU A 85 -7.21 14.37 -13.67
CA GLU A 85 -6.51 15.26 -12.76
C GLU A 85 -5.65 16.26 -13.54
N GLU A 86 -5.71 17.52 -13.13
CA GLU A 86 -4.81 18.57 -13.59
C GLU A 86 -4.10 19.18 -12.39
N ASN A 87 -2.86 19.59 -12.60
CA ASN A 87 -2.04 20.14 -11.53
C ASN A 87 -1.55 21.53 -11.92
N LEU A 88 -1.31 22.36 -10.92
CA LEU A 88 -0.89 23.74 -11.11
C LEU A 88 0.62 23.85 -10.85
N GLY A 89 1.36 24.35 -11.84
CA GLY A 89 2.80 24.43 -11.73
C GLY A 89 3.28 25.73 -11.12
N GLU A 90 4.58 25.76 -10.83
CA GLU A 90 5.18 26.96 -10.25
C GLU A 90 5.16 28.12 -11.22
N ASN A 91 5.11 27.84 -12.52
CA ASN A 91 4.98 28.92 -13.50
C ASN A 91 3.63 29.61 -13.37
N GLY A 92 2.58 28.85 -13.10
CA GLY A 92 1.26 29.42 -12.90
C GLY A 92 0.21 28.90 -13.85
N ALA A 93 0.56 27.90 -14.64
CA ALA A 93 -0.34 27.29 -15.60
C ALA A 93 -0.62 25.85 -15.22
N TRP A 94 -1.78 25.35 -15.64
CA TRP A 94 -2.18 24.00 -15.34
C TRP A 94 -1.49 23.02 -16.27
N GLY A 95 -1.06 21.88 -15.74
CA GLY A 95 -0.44 20.86 -16.53
C GLY A 95 -1.45 20.08 -17.34
N ARG A 96 -0.94 19.12 -18.10
CA ARG A 96 -1.81 18.32 -18.96
C ARG A 96 -2.70 17.43 -18.11
N PRO A 97 -3.95 17.19 -18.51
CA PRO A 97 -4.80 16.26 -17.75
C PRO A 97 -4.26 14.84 -17.80
N HIS A 98 -4.46 14.12 -16.71
CA HIS A 98 -3.91 12.77 -16.58
C HIS A 98 -4.76 11.97 -15.63
N LEU A 99 -4.67 10.64 -15.77
CA LEU A 99 -5.30 9.74 -14.81
C LEU A 99 -4.57 9.82 -13.48
N SER A 100 -5.32 9.72 -12.39
CA SER A 100 -4.72 9.85 -11.07
C SER A 100 -4.06 8.55 -10.65
N HIS A 101 -2.80 8.66 -10.22
CA HIS A 101 -2.06 7.55 -9.64
C HIS A 101 -1.65 7.96 -8.24
N LEU A 102 -1.77 7.04 -7.29
CA LEU A 102 -1.58 7.35 -5.89
C LEU A 102 -0.41 6.57 -5.31
N THR A 103 0.26 7.19 -4.35
CA THR A 103 1.29 6.49 -3.59
C THR A 103 0.64 5.56 -2.57
N PHE A 104 1.37 4.51 -2.19
CA PHE A 104 0.88 3.57 -1.20
C PHE A 104 0.67 4.25 0.15
N TRP A 105 1.60 5.12 0.54
CA TRP A 105 1.53 5.76 1.85
C TRP A 105 0.35 6.71 1.94
N SER A 106 0.02 7.39 0.84
CA SER A 106 -1.13 8.30 0.86
C SER A 106 -2.41 7.54 1.13
N LEU A 107 -2.59 6.38 0.50
CA LEU A 107 -3.80 5.60 0.70
C LEU A 107 -3.83 4.98 2.10
N LEU A 108 -2.68 4.51 2.58
CA LEU A 108 -2.63 3.97 3.94
C LEU A 108 -3.01 5.03 4.96
N GLU A 109 -2.44 6.23 4.83
CA GLU A 109 -2.74 7.31 5.77
C GLU A 109 -4.18 7.80 5.64
N LEU A 110 -4.70 7.84 4.40
CA LEU A 110 -6.08 8.24 4.20
C LEU A 110 -7.03 7.26 4.88
N ARG A 111 -6.76 5.97 4.75
CA ARG A 111 -7.57 4.97 5.46
C ARG A 111 -7.45 5.15 6.96
N ARG A 112 -6.24 5.40 7.46
CA ARG A 112 -6.03 5.55 8.90
C ARG A 112 -6.81 6.73 9.46
N VAL A 113 -6.78 7.87 8.77
CA VAL A 113 -7.47 9.06 9.28
C VAL A 113 -8.97 8.98 9.00
N PHE A 114 -9.37 8.18 8.01
CA PHE A 114 -10.80 8.04 7.72
C PHE A 114 -11.47 7.14 8.74
N THR A 115 -10.77 6.09 9.20
CA THR A 115 -11.37 5.13 10.12
C THR A 115 -11.79 5.79 11.43
N LYS A 116 -11.01 6.75 11.93
CA LYS A 116 -11.39 7.54 13.09
C LYS A 116 -11.79 8.96 12.70
N GLY A 117 -12.30 9.14 11.49
CA GLY A 117 -12.60 10.47 10.99
C GLY A 117 -13.86 11.07 11.55
N THR A 118 -13.94 12.39 11.43
CA THR A 118 -15.08 13.18 11.90
C THR A 118 -15.96 13.53 10.72
N VAL A 119 -17.17 13.00 10.72
CA VAL A 119 -18.10 13.16 9.60
C VAL A 119 -19.26 14.05 10.01
N LEU A 120 -19.57 15.04 9.19
CA LEU A 120 -20.72 15.91 9.36
C LEU A 120 -21.62 15.71 8.15
N LEU A 121 -22.49 14.72 8.22
CA LEU A 121 -23.40 14.42 7.12
C LEU A 121 -24.67 15.25 7.23
N ASP A 122 -25.25 15.56 6.07
CA ASP A 122 -26.41 16.44 5.91
C ASP A 122 -26.37 17.64 6.85
N LEU A 123 -25.28 18.39 6.76
CA LEU A 123 -25.05 19.54 7.61
C LEU A 123 -25.76 20.76 7.05
N GLN A 124 -26.55 21.43 7.89
CA GLN A 124 -27.32 22.60 7.47
C GLN A 124 -26.47 23.85 7.59
N GLU A 125 -25.47 23.94 6.72
CA GLU A 125 -24.62 25.12 6.66
C GLU A 125 -24.40 25.50 5.20
N THR A 126 -24.32 26.81 4.95
CA THR A 126 -24.19 27.33 3.59
C THR A 126 -23.04 28.34 3.51
N SER A 127 -22.06 28.22 4.40
CA SER A 127 -20.94 29.14 4.44
C SER A 127 -19.70 28.37 4.86
N LEU A 128 -18.53 28.85 4.42
CA LEU A 128 -17.29 28.23 4.86
C LEU A 128 -17.07 28.47 6.35
N ALA A 129 -17.44 29.64 6.86
CA ALA A 129 -17.31 29.92 8.29
C ALA A 129 -18.19 28.99 9.12
N GLY A 130 -19.43 28.79 8.68
CA GLY A 130 -20.32 27.90 9.43
C GLY A 130 -19.86 26.46 9.42
N VAL A 131 -19.43 25.96 8.26
CA VAL A 131 -18.92 24.60 8.18
C VAL A 131 -17.66 24.46 9.02
N ALA A 132 -16.80 25.48 9.01
CA ALA A 132 -15.59 25.45 9.81
C ALA A 132 -15.91 25.40 11.30
N ASN A 133 -16.85 26.23 11.76
CA ASN A 133 -17.23 26.24 13.16
C ASN A 133 -17.81 24.91 13.59
N GLN A 134 -18.72 24.35 12.79
CA GLN A 134 -19.32 23.06 13.13
C GLN A 134 -18.28 21.95 13.13
N LEU A 135 -17.38 21.96 12.14
CA LEU A 135 -16.34 20.94 12.06
C LEU A 135 -15.40 21.01 13.26
N LEU A 136 -15.02 22.22 13.68
CA LEU A 136 -14.11 22.35 14.81
C LEU A 136 -14.81 21.96 16.11
N ASP A 137 -16.10 22.29 16.25
CA ASP A 137 -16.84 21.85 17.42
C ASP A 137 -16.93 20.33 17.49
N ARG A 138 -17.14 19.68 16.34
CA ARG A 138 -17.20 18.22 16.35
C ARG A 138 -15.80 17.62 16.51
N PHE A 139 -14.76 18.32 16.07
CA PHE A 139 -13.39 17.89 16.32
C PHE A 139 -13.10 17.86 17.81
N ILE A 140 -13.48 18.94 18.51
CA ILE A 140 -13.26 19.01 19.95
C ILE A 140 -14.14 17.98 20.67
N PHE A 141 -15.35 17.76 20.15
CA PHE A 141 -16.25 16.79 20.77
C PHE A 141 -15.69 15.38 20.71
N GLU A 142 -15.09 15.00 19.60
CA GLU A 142 -14.57 13.65 19.40
C GLU A 142 -13.12 13.50 19.84
N ASP A 143 -12.57 14.50 20.53
CA ASP A 143 -11.18 14.50 21.00
C ASP A 143 -10.18 14.39 19.85
N GLN A 144 -10.56 14.89 18.68
CA GLN A 144 -9.63 14.98 17.56
C GLN A 144 -8.62 16.10 17.72
N ILE A 145 -9.05 17.25 18.22
CA ILE A 145 -8.18 18.37 18.53
C ILE A 145 -8.44 18.80 19.97
N ARG A 146 -7.69 19.79 20.41
CA ARG A 146 -7.87 20.33 21.76
C ARG A 146 -8.54 21.70 21.68
N PRO A 147 -9.26 22.10 22.74
CA PRO A 147 -9.95 23.40 22.70
C PRO A 147 -9.01 24.59 22.57
N GLN A 148 -7.73 24.44 22.91
CA GLN A 148 -6.79 25.52 22.69
C GLN A 148 -6.43 25.66 21.21
N ASP A 149 -6.62 24.59 20.42
CA ASP A 149 -6.29 24.62 19.00
C ASP A 149 -7.38 25.25 18.15
N ARG A 150 -8.56 25.47 18.72
CA ARG A 150 -9.73 25.86 17.93
C ARG A 150 -9.55 27.24 17.30
N GLU A 151 -9.00 28.18 18.06
CA GLU A 151 -8.83 29.54 17.55
C GLU A 151 -7.87 29.56 16.36
N GLU A 152 -6.74 28.87 16.50
CA GLU A 152 -5.75 28.83 15.41
C GLU A 152 -6.31 28.12 14.19
N LEU A 153 -7.01 26.99 14.39
CA LEU A 153 -7.56 26.28 13.24
C LEU A 153 -8.66 27.06 12.55
N LEU A 154 -9.46 27.81 13.33
CA LEU A 154 -10.50 28.64 12.73
C LEU A 154 -9.90 29.80 11.96
N ARG A 155 -8.81 30.38 12.47
CA ARG A 155 -8.10 31.41 11.73
C ARG A 155 -7.53 30.87 10.43
N ALA A 156 -6.99 29.64 10.47
CA ALA A 156 -6.40 29.06 9.27
C ALA A 156 -7.44 28.70 8.23
N LEU A 157 -8.55 28.08 8.64
CA LEU A 157 -9.54 27.61 7.68
C LEU A 157 -10.21 28.77 6.96
N LEU A 158 -10.37 29.90 7.62
CA LEU A 158 -11.04 31.06 7.04
C LEU A 158 -10.07 32.03 6.37
N LEU A 159 -8.84 31.61 6.13
CA LEU A 159 -7.88 32.44 5.42
C LEU A 159 -8.30 32.62 3.97
N LYS A 160 -7.63 33.55 3.30
CA LYS A 160 -7.93 33.81 1.90
C LYS A 160 -7.63 32.57 1.05
N HIS A 161 -8.56 32.21 0.19
CA HIS A 161 -8.38 31.12 -0.76
C HIS A 161 -8.01 31.72 -2.10
N SER A 162 -6.75 31.61 -2.47
CA SER A 162 -6.26 32.14 -3.74
C SER A 162 -6.28 31.06 -4.81
N HIS A 163 -6.13 31.49 -6.06
CA HIS A 163 -6.24 30.61 -7.21
C HIS A 163 -5.12 30.93 -8.18
N ALA A 164 -5.13 30.26 -9.34
CA ALA A 164 -4.08 30.43 -10.32
C ALA A 164 -3.99 31.85 -10.86
N GLY A 165 -5.12 32.56 -10.94
CA GLY A 165 -5.13 33.90 -11.48
C GLY A 165 -4.38 34.93 -10.65
N GLU A 166 -4.08 34.62 -9.39
CA GLU A 166 -3.33 35.53 -8.52
C GLU A 166 -1.98 34.96 -8.11
N LEU A 167 -1.56 33.83 -8.69
CA LEU A 167 -0.23 33.31 -8.41
C LEU A 167 0.85 34.24 -8.94
N GLU A 168 0.65 34.77 -10.14
CA GLU A 168 1.60 35.73 -10.70
C GLU A 168 1.43 37.10 -10.06
N ALA A 169 0.23 37.40 -9.54
CA ALA A 169 0.03 38.63 -8.80
C ALA A 169 0.84 38.62 -7.50
N LEU A 170 1.12 37.44 -6.98
CA LEU A 170 2.00 37.27 -5.84
C LEU A 170 3.40 36.94 -6.34
N GLY A 171 4.32 36.60 -5.43
CA GLY A 171 5.65 36.20 -5.80
C GLY A 171 5.85 34.70 -5.70
N GLY A 172 4.82 33.94 -6.03
CA GLY A 172 4.87 32.50 -5.87
C GLY A 172 4.50 32.07 -4.46
N VAL A 173 4.35 30.77 -4.28
CA VAL A 173 3.96 30.21 -3.00
C VAL A 173 5.00 29.18 -2.57
N LYS A 174 5.14 29.00 -1.27
CA LYS A 174 6.07 28.06 -0.67
C LYS A 174 5.33 27.13 0.29
N PRO A 175 5.86 25.94 0.56
CA PRO A 175 5.25 25.10 1.60
C PRO A 175 5.28 25.79 2.95
N ALA A 176 4.18 25.64 3.69
CA ALA A 176 4.02 26.34 4.95
C ALA A 176 3.45 25.40 6.00
N VAL A 177 3.87 25.62 7.25
CA VAL A 177 3.34 24.90 8.40
C VAL A 177 2.75 25.92 9.35
N LEU A 178 1.52 25.68 9.79
CA LEU A 178 0.87 26.56 10.74
C LEU A 178 1.42 26.33 12.14
N THR A 179 1.91 27.39 12.77
CA THR A 179 2.53 27.30 14.08
C THR A 179 1.52 27.67 15.16
N ARG A 180 1.93 27.44 16.41
CA ARG A 180 1.05 27.69 17.57
C ARG A 180 0.60 29.14 17.62
N SER A 181 1.49 30.07 17.29
CA SER A 181 1.17 31.49 17.27
C SER A 181 0.50 31.85 15.95
N GLY A 182 0.36 33.14 15.68
CA GLY A 182 -0.26 33.59 14.45
C GLY A 182 0.72 33.75 13.30
N ASP A 183 1.95 33.21 13.48
CA ASP A 183 2.99 33.30 12.48
C ASP A 183 3.22 31.96 11.80
N PRO A 184 3.52 31.94 10.51
CA PRO A 184 3.82 30.67 9.83
C PRO A 184 5.28 30.26 9.97
N SER A 185 5.53 28.97 10.15
CA SER A 185 6.89 28.45 10.18
C SER A 185 7.21 27.74 8.88
N GLN A 186 8.47 27.27 8.79
CA GLN A 186 8.92 26.50 7.65
C GLN A 186 8.96 25.02 8.02
N PRO A 187 8.67 24.12 7.07
CA PRO A 187 8.67 22.69 7.38
C PRO A 187 10.05 22.20 7.79
N LEU A 188 10.07 21.27 8.75
CA LEU A 188 11.30 20.68 9.27
C LEU A 188 11.72 19.45 8.50
N LEU A 189 10.77 18.65 8.03
CA LEU A 189 11.11 17.46 7.28
C LEU A 189 11.58 17.84 5.87
N PRO A 190 12.43 17.00 5.26
CA PRO A 190 12.91 17.30 3.90
C PRO A 190 11.75 17.36 2.90
N GLN A 191 11.86 18.29 1.96
CA GLN A 191 10.83 18.49 0.96
C GLN A 191 10.97 17.49 -0.18
N HIS A 192 9.83 17.14 -0.77
CA HIS A 192 9.81 16.28 -1.94
C HIS A 192 8.96 16.97 -3.01
N SER A 193 9.61 17.44 -4.07
CA SER A 193 8.90 18.05 -5.18
C SER A 193 7.91 17.06 -5.79
N SER A 194 6.71 17.53 -6.07
CA SER A 194 5.63 16.66 -6.49
C SER A 194 5.95 15.97 -7.81
N LEU A 195 5.69 14.66 -7.87
CA LEU A 195 5.89 13.91 -9.10
C LEU A 195 5.00 14.43 -10.22
N GLU A 196 3.75 14.76 -9.88
CA GLU A 196 2.80 15.24 -10.89
C GLU A 196 3.27 16.56 -11.50
N THR A 197 3.78 17.47 -10.66
CA THR A 197 4.28 18.74 -11.17
C THR A 197 5.49 18.53 -12.08
N GLN A 198 6.38 17.62 -11.70
CA GLN A 198 7.57 17.36 -12.51
C GLN A 198 7.20 16.75 -13.85
N LEU A 199 6.24 15.83 -13.86
CA LEU A 199 5.93 15.09 -15.08
C LEU A 199 4.97 15.81 -16.01
N PHE A 200 3.91 16.41 -15.49
CA PHE A 200 2.86 16.98 -16.33
C PHE A 200 2.86 18.49 -16.42
N CYS A 201 3.40 19.21 -15.44
CA CYS A 201 3.35 20.67 -15.43
C CYS A 201 4.52 21.33 -16.11
N GLU A 202 5.70 20.71 -16.11
CA GLU A 202 6.91 21.34 -16.63
C GLU A 202 6.87 21.32 -18.16
N GLN A 203 5.96 22.11 -18.72
CA GLN A 203 5.81 22.22 -20.16
C GLN A 203 5.45 23.65 -20.57
N LEU A 217 -12.72 23.06 -18.22
CA LEU A 217 -13.77 23.49 -17.31
C LEU A 217 -15.11 23.53 -18.04
N GLU A 218 -15.06 23.42 -19.36
CA GLU A 218 -16.28 23.28 -20.14
C GLU A 218 -16.87 21.88 -20.02
N LYS A 219 -16.05 20.90 -19.60
CA LYS A 219 -16.53 19.54 -19.39
C LYS A 219 -17.26 19.39 -18.06
N ILE A 220 -17.29 20.41 -17.22
CA ILE A 220 -18.07 20.38 -15.99
C ILE A 220 -19.54 20.43 -16.36
N PRO A 221 -20.34 19.44 -15.98
CA PRO A 221 -21.75 19.42 -16.37
C PRO A 221 -22.52 20.56 -15.73
N PRO A 222 -23.57 21.06 -16.40
CA PRO A 222 -24.32 22.19 -15.82
C PRO A 222 -25.05 21.87 -14.53
N ASP A 223 -25.44 20.62 -14.32
CA ASP A 223 -26.12 20.21 -13.10
C ASP A 223 -25.21 19.44 -12.14
N SER A 224 -23.94 19.82 -12.04
CA SER A 224 -23.01 19.12 -11.18
C SER A 224 -22.80 19.86 -9.87
N GLU A 225 -22.18 19.17 -8.92
CA GLU A 225 -21.83 19.73 -7.62
C GLU A 225 -20.35 19.50 -7.37
N ALA A 226 -19.74 20.39 -6.59
CA ALA A 226 -18.30 20.37 -6.41
C ALA A 226 -17.90 19.77 -5.07
N THR A 227 -16.62 19.40 -4.97
CA THR A 227 -16.01 18.97 -3.73
C THR A 227 -14.75 19.79 -3.49
N LEU A 228 -14.61 20.28 -2.26
CA LEU A 228 -13.44 21.04 -1.86
C LEU A 228 -12.61 20.21 -0.89
N VAL A 229 -11.33 20.07 -1.19
CA VAL A 229 -10.39 19.31 -0.35
C VAL A 229 -9.34 20.28 0.17
N LEU A 230 -9.25 20.39 1.49
CA LEU A 230 -8.31 21.29 2.13
C LEU A 230 -7.28 20.47 2.89
N VAL A 231 -6.00 20.69 2.57
CA VAL A 231 -4.91 20.04 3.27
C VAL A 231 -4.01 21.12 3.86
N GLY A 232 -3.67 20.96 5.13
CA GLY A 232 -2.81 21.92 5.80
C GLY A 232 -1.98 21.22 6.86
N ARG A 233 -0.82 21.79 7.14
CA ARG A 233 0.09 21.25 8.14
C ARG A 233 0.14 22.20 9.33
N ALA A 234 -0.18 21.68 10.51
CA ALA A 234 -0.13 22.44 11.76
C ALA A 234 0.60 21.60 12.79
N ASP A 235 1.75 22.10 13.26
CA ASP A 235 2.61 21.31 14.14
C ASP A 235 2.01 21.13 15.53
N PHE A 236 1.04 21.95 15.91
CA PHE A 236 0.42 21.85 17.23
C PHE A 236 -0.77 20.90 17.22
N LEU A 237 -0.59 19.73 16.63
CA LEU A 237 -1.61 18.70 16.60
C LEU A 237 -0.96 17.37 16.95
N GLU A 238 -1.62 16.60 17.80
CA GLU A 238 -1.08 15.32 18.21
C GLU A 238 -1.05 14.33 17.05
N GLN A 239 -2.11 14.30 16.25
CA GLN A 239 -2.27 13.30 15.21
C GLN A 239 -2.96 13.96 14.02
N PRO A 240 -2.79 13.41 12.82
CA PRO A 240 -3.58 13.88 11.68
C PRO A 240 -5.07 13.64 11.91
N VAL A 241 -5.89 14.53 11.38
CA VAL A 241 -7.33 14.49 11.60
C VAL A 241 -8.04 14.74 10.28
N LEU A 242 -9.03 13.90 9.98
CA LEU A 242 -9.84 14.01 8.77
C LEU A 242 -11.24 14.49 9.14
N GLY A 243 -11.69 15.54 8.46
CA GLY A 243 -13.06 15.99 8.61
C GLY A 243 -13.83 15.92 7.31
N PHE A 244 -14.92 15.18 7.29
CA PHE A 244 -15.74 14.99 6.10
C PHE A 244 -17.10 15.64 6.31
N VAL A 245 -17.51 16.48 5.36
CA VAL A 245 -18.75 17.23 5.45
C VAL A 245 -19.57 16.99 4.19
N ARG A 246 -20.85 16.71 4.36
CA ARG A 246 -21.82 16.70 3.25
C ARG A 246 -22.91 17.70 3.59
N LEU A 247 -22.99 18.78 2.82
CA LEU A 247 -23.99 19.81 3.07
C LEU A 247 -25.38 19.29 2.76
N GLN A 248 -26.36 19.76 3.54
CA GLN A 248 -27.76 19.45 3.24
C GLN A 248 -28.16 20.00 1.88
N GLU A 249 -27.78 21.24 1.58
CA GLU A 249 -28.01 21.87 0.30
C GLU A 249 -26.69 22.36 -0.25
N ALA A 250 -26.36 21.95 -1.48
CA ALA A 250 -25.11 22.36 -2.10
C ALA A 250 -25.09 23.86 -2.30
N ALA A 251 -24.07 24.51 -1.72
CA ALA A 251 -23.96 25.96 -1.76
C ALA A 251 -22.62 26.35 -2.33
N GLU A 252 -22.59 27.54 -2.93
CA GLU A 252 -21.37 28.13 -3.46
C GLU A 252 -20.65 28.86 -2.34
N LEU A 253 -19.33 28.70 -2.27
CA LEU A 253 -18.54 29.25 -1.19
C LEU A 253 -17.51 30.23 -1.74
N GLU A 254 -16.96 31.04 -0.83
CA GLU A 254 -15.93 32.00 -1.20
C GLU A 254 -14.62 31.30 -1.56
N ALA A 255 -14.43 30.06 -1.11
CA ALA A 255 -13.18 29.35 -1.38
C ALA A 255 -13.04 28.97 -2.84
N VAL A 256 -14.12 28.52 -3.48
CA VAL A 256 -14.08 28.01 -4.85
C VAL A 256 -14.49 29.13 -5.80
N GLU A 257 -13.64 29.42 -6.77
CA GLU A 257 -13.94 30.47 -7.74
C GLU A 257 -14.96 30.03 -8.79
N LEU A 258 -14.89 28.77 -9.24
CA LEU A 258 -15.75 28.32 -10.32
C LEU A 258 -17.20 28.30 -9.86
N PRO A 259 -18.14 28.82 -10.66
CA PRO A 259 -19.56 28.88 -10.27
C PRO A 259 -20.25 27.51 -10.24
N VAL A 260 -19.77 26.63 -9.39
CA VAL A 260 -20.37 25.32 -9.17
C VAL A 260 -20.62 25.17 -7.67
N PRO A 261 -21.80 24.75 -7.25
CA PRO A 261 -22.07 24.59 -5.81
C PRO A 261 -21.24 23.45 -5.22
N ILE A 262 -20.92 23.60 -3.94
CA ILE A 262 -20.11 22.63 -3.21
C ILE A 262 -21.03 21.77 -2.36
N ARG A 263 -20.95 20.46 -2.52
CA ARG A 263 -21.70 19.51 -1.72
C ARG A 263 -20.86 18.83 -0.66
N PHE A 264 -19.60 18.54 -0.94
CA PHE A 264 -18.73 17.81 -0.04
C PHE A 264 -17.51 18.66 0.32
N LEU A 265 -16.99 18.44 1.52
CA LEU A 265 -15.78 19.11 1.99
C LEU A 265 -14.88 18.09 2.67
N PHE A 266 -13.63 18.03 2.23
CA PHE A 266 -12.60 17.22 2.86
C PHE A 266 -11.61 18.15 3.56
N VAL A 267 -11.39 17.93 4.85
CA VAL A 267 -10.45 18.73 5.63
C VAL A 267 -9.42 17.79 6.24
N LEU A 268 -8.17 17.93 5.82
CA LEU A 268 -7.06 17.11 6.29
C LEU A 268 -6.05 18.02 6.97
N LEU A 269 -6.00 17.96 8.30
CA LEU A 269 -5.05 18.72 9.08
C LEU A 269 -4.19 17.75 9.90
N GLY A 270 -2.98 18.19 10.22
CA GLY A 270 -2.08 17.38 11.01
C GLY A 270 -0.68 17.94 11.06
N PRO A 271 0.17 17.34 11.91
CA PRO A 271 1.56 17.80 12.02
C PRO A 271 2.45 17.13 10.99
N GLU A 272 3.73 17.50 10.98
CA GLU A 272 4.70 16.83 10.12
C GLU A 272 4.99 15.45 10.70
N ALA A 273 4.83 14.42 9.88
CA ALA A 273 5.05 13.05 10.31
C ALA A 273 5.66 12.26 9.16
N PRO A 274 6.46 11.24 9.45
CA PRO A 274 7.00 10.40 8.38
C PRO A 274 5.90 9.62 7.67
N HIS A 275 6.12 9.37 6.38
CA HIS A 275 5.24 8.63 5.48
C HIS A 275 3.92 9.34 5.23
N ILE A 276 3.81 10.62 5.58
CA ILE A 276 2.59 11.39 5.39
C ILE A 276 2.94 12.64 4.59
N ASP A 277 2.61 12.64 3.31
CA ASP A 277 2.70 13.84 2.47
C ASP A 277 1.27 14.35 2.28
N TYR A 278 0.99 15.53 2.82
CA TYR A 278 -0.39 16.01 2.86
C TYR A 278 -0.89 16.39 1.47
N THR A 279 0.00 16.80 0.57
CA THR A 279 -0.39 16.98 -0.83
C THR A 279 -0.85 15.67 -1.44
N GLN A 280 -0.12 14.59 -1.20
CA GLN A 280 -0.53 13.28 -1.69
C GLN A 280 -1.75 12.77 -0.96
N LEU A 281 -1.90 13.14 0.33
CA LEU A 281 -3.12 12.78 1.06
C LEU A 281 -4.34 13.44 0.43
N GLY A 282 -4.22 14.72 0.10
CA GLY A 282 -5.31 15.40 -0.57
C GLY A 282 -5.57 14.86 -1.96
N ARG A 283 -4.50 14.47 -2.66
CA ARG A 283 -4.68 13.84 -3.96
C ARG A 283 -5.44 12.52 -3.84
N ALA A 284 -5.12 11.72 -2.82
CA ALA A 284 -5.84 10.47 -2.61
C ALA A 284 -7.30 10.71 -2.26
N ALA A 285 -7.57 11.70 -1.40
CA ALA A 285 -8.95 12.01 -1.04
C ALA A 285 -9.73 12.52 -2.25
N ALA A 286 -9.11 13.36 -3.06
CA ALA A 286 -9.79 13.89 -4.25
C ALA A 286 -10.00 12.81 -5.30
N THR A 287 -9.05 11.89 -5.44
CA THR A 287 -9.23 10.77 -6.37
C THR A 287 -10.35 9.85 -5.89
N LEU A 288 -10.43 9.62 -4.58
CA LEU A 288 -11.54 8.87 -4.02
C LEU A 288 -12.88 9.54 -4.30
N MET A 289 -12.94 10.86 -4.12
CA MET A 289 -14.18 11.60 -4.37
C MET A 289 -14.52 11.62 -5.85
N SER A 290 -13.50 11.60 -6.72
CA SER A 290 -13.75 11.59 -8.16
C SER A 290 -14.22 10.24 -8.66
N GLU A 291 -14.05 9.19 -7.87
CA GLU A 291 -14.54 7.87 -8.25
C GLU A 291 -16.05 7.83 -8.12
N ARG A 292 -16.72 7.20 -9.09
CA ARG A 292 -18.18 7.28 -9.15
C ARG A 292 -18.84 6.42 -8.08
N VAL A 293 -18.29 5.23 -7.82
CA VAL A 293 -18.87 4.34 -6.82
C VAL A 293 -18.82 4.99 -5.44
N PHE A 294 -17.66 5.54 -5.08
CA PHE A 294 -17.53 6.18 -3.78
C PHE A 294 -18.39 7.44 -3.70
N ARG A 295 -18.50 8.19 -4.80
CA ARG A 295 -19.32 9.41 -4.76
C ARG A 295 -20.79 9.08 -4.56
N ILE A 296 -21.28 8.04 -5.25
CA ILE A 296 -22.66 7.62 -5.07
C ILE A 296 -22.88 7.11 -3.65
N ASP A 297 -21.89 6.40 -3.09
CA ASP A 297 -22.00 5.98 -1.70
C ASP A 297 -21.98 7.17 -0.75
N ALA A 298 -21.23 8.22 -1.11
CA ALA A 298 -21.11 9.39 -0.24
C ALA A 298 -22.39 10.20 -0.23
N TYR A 299 -23.08 10.27 -1.36
CA TYR A 299 -24.40 10.92 -1.37
C TYR A 299 -25.39 10.17 -0.50
N MET A 300 -25.33 8.84 -0.51
CA MET A 300 -26.26 8.00 0.23
C MET A 300 -25.77 7.62 1.62
N ALA A 301 -24.60 8.10 2.03
CA ALA A 301 -24.03 7.72 3.31
C ALA A 301 -24.83 8.34 4.45
N GLN A 302 -25.21 7.50 5.41
CA GLN A 302 -25.92 7.94 6.61
C GLN A 302 -25.07 7.84 7.87
N SER A 303 -23.84 7.34 7.74
CA SER A 303 -22.93 7.18 8.87
C SER A 303 -21.51 7.05 8.34
N ARG A 304 -20.55 7.12 9.26
CA ARG A 304 -19.16 6.95 8.87
C ARG A 304 -18.86 5.52 8.44
N GLY A 305 -19.67 4.56 8.90
CA GLY A 305 -19.43 3.18 8.55
C GLY A 305 -19.62 2.90 7.07
N GLU A 306 -20.62 3.54 6.45
CA GLU A 306 -20.85 3.34 5.03
C GLU A 306 -19.73 3.94 4.19
N LEU A 307 -19.24 5.12 4.57
CA LEU A 307 -18.09 5.71 3.89
C LEU A 307 -16.85 4.83 4.06
N LEU A 308 -16.67 4.28 5.26
CA LEU A 308 -15.55 3.37 5.50
C LEU A 308 -15.66 2.13 4.63
N HIS A 309 -16.87 1.58 4.49
CA HIS A 309 -17.09 0.42 3.64
C HIS A 309 -16.77 0.73 2.18
N SER A 310 -17.19 1.90 1.71
CA SER A 310 -16.88 2.31 0.35
C SER A 310 -15.38 2.49 0.14
N LEU A 311 -14.69 3.05 1.14
CA LEU A 311 -13.23 3.17 1.05
C LEU A 311 -12.56 1.79 1.05
N GLU A 312 -13.09 0.85 1.84
CA GLU A 312 -12.54 -0.50 1.84
C GLU A 312 -12.71 -1.15 0.48
N GLY A 313 -13.87 -0.97 -0.16
CA GLY A 313 -14.04 -1.51 -1.51
C GLY A 313 -13.12 -0.84 -2.52
N PHE A 314 -12.92 0.47 -2.39
CA PHE A 314 -12.00 1.20 -3.25
C PHE A 314 -10.59 0.66 -3.12
N LEU A 315 -10.16 0.34 -1.90
CA LEU A 315 -8.84 -0.25 -1.72
C LEU A 315 -8.80 -1.70 -2.17
N ASP A 316 -9.92 -2.41 -2.06
CA ASP A 316 -10.00 -3.79 -2.54
C ASP A 316 -9.79 -3.86 -4.04
N CYS A 317 -10.33 -2.90 -4.77
CA CYS A 317 -10.24 -2.92 -6.23
C CYS A 317 -9.09 -2.09 -6.76
N SER A 318 -8.17 -1.65 -5.90
CA SER A 318 -6.98 -0.95 -6.34
C SER A 318 -5.93 -1.94 -6.82
N LEU A 319 -5.02 -1.44 -7.65
CA LEU A 319 -3.94 -2.24 -8.22
C LEU A 319 -2.62 -1.58 -7.85
N VAL A 320 -1.75 -2.33 -7.18
CA VAL A 320 -0.46 -1.81 -6.72
C VAL A 320 0.63 -2.29 -7.65
N LEU A 321 1.42 -1.36 -8.15
CA LEU A 321 2.52 -1.68 -9.06
C LEU A 321 3.84 -1.57 -8.32
N PRO A 322 4.53 -2.68 -8.07
CA PRO A 322 5.81 -2.63 -7.36
C PRO A 322 6.91 -2.04 -8.24
N PRO A 323 7.99 -1.55 -7.64
CA PRO A 323 9.13 -1.11 -8.46
C PRO A 323 9.79 -2.27 -9.18
N THR A 324 10.37 -1.97 -10.34
CA THR A 324 11.07 -2.97 -11.14
C THR A 324 12.25 -2.31 -11.84
N ASP A 325 13.28 -3.10 -12.12
CA ASP A 325 14.47 -2.59 -12.77
C ASP A 325 14.40 -2.66 -14.29
N ALA A 326 13.47 -3.44 -14.85
CA ALA A 326 13.31 -3.57 -16.29
C ALA A 326 11.83 -3.46 -16.65
N PRO A 327 11.27 -2.25 -16.62
CA PRO A 327 9.87 -2.09 -17.01
C PRO A 327 9.68 -2.25 -18.51
N SER A 328 8.59 -2.91 -18.88
CA SER A 328 8.25 -3.10 -20.28
C SER A 328 6.74 -3.06 -20.42
N GLU A 329 6.29 -2.51 -21.55
CA GLU A 329 4.86 -2.41 -21.80
C GLU A 329 4.23 -3.79 -21.99
N GLN A 330 4.98 -4.72 -22.59
CA GLN A 330 4.44 -6.06 -22.81
C GLN A 330 4.13 -6.76 -21.49
N ALA A 331 5.00 -6.60 -20.49
CA ALA A 331 4.70 -7.10 -19.16
C ALA A 331 3.57 -6.30 -18.52
N LEU A 332 3.55 -4.99 -18.74
CA LEU A 332 2.54 -4.14 -18.11
C LEU A 332 1.16 -4.37 -18.72
N LEU A 333 1.10 -4.62 -20.02
CA LEU A 333 -0.18 -4.90 -20.67
C LEU A 333 -0.73 -6.27 -20.31
N SER A 334 0.05 -7.12 -19.65
CA SER A 334 -0.48 -8.36 -19.10
C SER A 334 -1.38 -8.12 -17.91
N LEU A 335 -1.37 -6.93 -17.33
CA LEU A 335 -2.25 -6.57 -16.23
C LEU A 335 -3.59 -6.03 -16.70
N VAL A 336 -3.83 -6.01 -18.01
CA VAL A 336 -5.13 -5.60 -18.53
C VAL A 336 -6.28 -6.44 -17.98
N PRO A 337 -6.22 -7.79 -17.99
CA PRO A 337 -7.32 -8.54 -17.37
C PRO A 337 -7.49 -8.25 -15.89
N VAL A 338 -6.39 -8.01 -15.17
CA VAL A 338 -6.49 -7.71 -13.74
C VAL A 338 -7.22 -6.38 -13.52
N GLN A 339 -6.88 -5.37 -14.32
CA GLN A 339 -7.56 -4.08 -14.20
C GLN A 339 -9.03 -4.20 -14.57
N ARG A 340 -9.34 -4.96 -15.62
CA ARG A 340 -10.74 -5.17 -16.00
C ARG A 340 -11.52 -5.86 -14.89
N GLU A 341 -10.94 -6.90 -14.29
CA GLU A 341 -11.62 -7.62 -13.23
C GLU A 341 -11.80 -6.76 -11.99
N LEU A 342 -10.80 -5.94 -11.66
CA LEU A 342 -10.93 -5.05 -10.51
C LEU A 342 -12.01 -4.00 -10.74
N LEU A 343 -12.10 -3.45 -11.95
CA LEU A 343 -13.16 -2.49 -12.25
C LEU A 343 -14.53 -3.14 -12.19
N ARG A 344 -14.64 -4.37 -12.71
CA ARG A 344 -15.92 -5.08 -12.65
C ARG A 344 -16.32 -5.36 -11.21
N ARG A 345 -15.35 -5.74 -10.37
CA ARG A 345 -15.64 -5.94 -8.95
C ARG A 345 -16.09 -4.65 -8.29
N ARG A 346 -15.45 -3.53 -8.65
CA ARG A 346 -15.83 -2.25 -8.06
C ARG A 346 -17.25 -1.86 -8.43
N TYR A 347 -17.63 -2.08 -9.68
CA TYR A 347 -18.95 -1.65 -10.14
C TYR A 347 -20.04 -2.71 -9.96
N GLN A 348 -19.70 -3.91 -9.47
CA GLN A 348 -20.75 -4.92 -9.29
C GLN A 348 -21.67 -4.57 -8.12
N SER A 349 -21.21 -3.73 -7.20
CA SER A 349 -22.01 -3.39 -6.02
C SER A 349 -22.73 -2.07 -6.16
N SER A 350 -22.21 -1.16 -6.96
CA SER A 350 -22.80 0.17 -7.08
C SER A 350 -24.04 0.12 -7.96
N PRO A 351 -24.97 1.07 -7.78
CA PRO A 351 -26.07 1.20 -8.75
C PRO A 351 -25.60 1.60 -10.14
N ALA A 352 -24.41 2.18 -10.24
CA ALA A 352 -23.91 2.67 -11.52
C ALA A 352 -23.32 1.53 -12.36
N LYS A 353 -23.10 1.82 -13.63
CA LYS A 353 -22.43 0.95 -14.58
C LYS A 353 -21.20 1.66 -15.16
N PRO A 354 -20.14 0.91 -15.45
CA PRO A 354 -18.90 1.56 -15.94
C PRO A 354 -19.13 2.26 -17.27
N ASP A 355 -18.50 3.42 -17.42
CA ASP A 355 -18.62 4.22 -18.62
C ASP A 355 -17.65 3.75 -19.71
N GLN B 30 14.08 -26.58 34.46
CA GLN B 30 14.04 -26.52 35.91
C GLN B 30 12.94 -25.57 36.39
N MET B 31 13.07 -25.12 37.64
CA MET B 31 12.06 -24.22 38.21
C MET B 31 12.03 -22.88 37.49
N GLU B 32 13.20 -22.34 37.16
CA GLU B 32 13.27 -21.03 36.52
C GLU B 32 12.73 -21.08 35.11
N GLU B 33 11.96 -20.06 34.75
CA GLU B 33 11.44 -19.88 33.39
C GLU B 33 11.78 -18.47 32.94
N PRO B 34 13.00 -18.25 32.45
CA PRO B 34 13.44 -16.88 32.14
C PRO B 34 12.65 -16.27 31.01
N ALA B 35 12.48 -14.95 31.08
CA ALA B 35 11.88 -14.19 29.99
C ALA B 35 12.98 -13.68 29.07
N ALA B 36 12.64 -13.53 27.79
CA ALA B 36 13.60 -13.06 26.81
C ALA B 36 14.04 -11.64 27.13
N HIS B 37 15.33 -11.37 26.95
CA HIS B 37 15.91 -10.06 27.20
C HIS B 37 16.20 -9.40 25.86
N ASP B 38 15.48 -8.33 25.56
CA ASP B 38 15.66 -7.62 24.29
C ASP B 38 16.94 -6.80 24.35
N THR B 39 18.06 -7.46 24.07
CA THR B 39 19.36 -6.82 24.10
C THR B 39 20.16 -7.20 22.86
N GLU B 40 20.75 -6.20 22.21
CA GLU B 40 21.64 -6.42 21.08
C GLU B 40 23.03 -5.84 21.36
N ALA B 41 23.49 -5.93 22.61
CA ALA B 41 24.79 -5.38 22.97
C ALA B 41 25.93 -6.07 22.24
N THR B 42 25.81 -7.37 21.99
CA THR B 42 26.83 -8.13 21.27
C THR B 42 26.35 -8.57 19.89
N ALA B 43 25.42 -7.83 19.29
CA ALA B 43 24.93 -8.19 17.96
C ALA B 43 26.03 -8.04 16.91
N THR B 44 26.86 -7.01 17.04
CA THR B 44 27.91 -6.76 16.05
C THR B 44 29.04 -7.79 16.13
N ASP B 45 29.06 -8.64 17.16
CA ASP B 45 30.03 -9.72 17.22
C ASP B 45 29.71 -10.86 16.26
N TYR B 46 28.53 -10.86 15.65
CA TYR B 46 28.13 -11.89 14.70
C TYR B 46 28.00 -11.35 13.29
N HIS B 47 28.34 -10.09 13.05
CA HIS B 47 28.27 -9.49 11.73
C HIS B 47 29.50 -9.90 10.94
N THR B 48 29.31 -10.72 9.91
CA THR B 48 30.42 -11.22 9.13
C THR B 48 31.05 -10.11 8.30
N THR B 49 32.33 -10.29 7.97
CA THR B 49 33.06 -9.35 7.13
C THR B 49 33.07 -9.75 5.67
N SER B 50 32.40 -10.84 5.30
CA SER B 50 32.36 -11.27 3.92
C SER B 50 31.37 -10.41 3.15
N HIS B 51 31.83 -9.85 2.03
CA HIS B 51 30.96 -9.08 1.16
C HIS B 51 30.12 -10.04 0.32
N PRO B 52 28.79 -9.98 0.41
CA PRO B 52 27.96 -10.94 -0.34
C PRO B 52 28.07 -10.73 -1.84
N GLY B 53 28.00 -11.83 -2.58
CA GLY B 53 28.01 -11.76 -4.02
C GLY B 53 26.66 -11.36 -4.59
N THR B 54 26.69 -10.94 -5.85
CA THR B 54 25.49 -10.55 -6.56
C THR B 54 24.86 -11.77 -7.21
N HIS B 55 23.65 -12.12 -6.78
CA HIS B 55 22.96 -13.29 -7.29
C HIS B 55 21.59 -12.88 -7.82
N LYS B 56 21.24 -13.40 -8.99
CA LYS B 56 19.86 -13.36 -9.42
C LYS B 56 19.03 -14.32 -8.58
N VAL B 57 17.73 -14.08 -8.49
CA VAL B 57 16.88 -14.81 -7.57
C VAL B 57 15.86 -15.62 -8.36
N TYR B 58 15.64 -16.85 -7.90
CA TYR B 58 14.47 -17.64 -8.27
C TYR B 58 13.59 -17.75 -7.02
N VAL B 59 12.33 -17.39 -7.15
CA VAL B 59 11.39 -17.43 -6.03
C VAL B 59 10.31 -18.44 -6.34
N GLU B 60 10.01 -19.29 -5.35
CA GLU B 60 8.92 -20.24 -5.43
C GLU B 60 8.02 -20.07 -4.22
N LEU B 61 6.71 -19.97 -4.47
CA LEU B 61 5.72 -19.87 -3.42
C LEU B 61 5.05 -21.23 -3.25
N GLN B 62 5.03 -21.73 -2.02
CA GLN B 62 4.39 -23.00 -1.72
C GLN B 62 3.29 -22.79 -0.69
N GLU B 63 2.20 -23.53 -0.85
CA GLU B 63 1.02 -23.36 -0.03
C GLU B 63 0.65 -24.69 0.62
N LEU B 64 0.14 -24.62 1.84
CA LEU B 64 -0.21 -25.81 2.61
C LEU B 64 -1.57 -26.33 2.14
N VAL B 65 -1.59 -27.53 1.55
CA VAL B 65 -2.77 -28.08 0.89
C VAL B 65 -2.99 -29.52 1.33
N MET B 66 -4.15 -30.04 0.95
CA MET B 66 -4.53 -31.43 1.19
C MET B 66 -4.96 -32.05 -0.13
N ASP B 67 -4.56 -33.30 -0.35
CA ASP B 67 -4.91 -34.03 -1.57
C ASP B 67 -6.06 -34.99 -1.29
N GLU B 68 -6.94 -35.18 -2.29
CA GLU B 68 -8.13 -35.99 -2.09
C GLU B 68 -7.79 -37.47 -1.99
N LYS B 69 -6.68 -37.91 -2.59
CA LYS B 69 -6.36 -39.33 -2.62
C LYS B 69 -6.09 -39.88 -1.22
N ASN B 70 -5.33 -39.14 -0.41
CA ASN B 70 -4.88 -39.64 0.88
C ASN B 70 -5.25 -38.75 2.06
N GLN B 71 -5.83 -37.58 1.82
CA GLN B 71 -6.13 -36.59 2.86
C GLN B 71 -4.89 -36.19 3.64
N GLU B 72 -3.73 -36.18 2.99
CA GLU B 72 -2.46 -35.92 3.64
C GLU B 72 -2.07 -34.47 3.45
N LEU B 73 -1.70 -33.81 4.55
CA LEU B 73 -1.20 -32.44 4.45
C LEU B 73 0.15 -32.42 3.77
N ARG B 74 0.31 -31.51 2.81
CA ARG B 74 1.56 -31.41 2.06
C ARG B 74 1.73 -29.98 1.58
N TRP B 75 2.96 -29.65 1.21
CA TRP B 75 3.28 -28.36 0.62
C TRP B 75 3.26 -28.47 -0.90
N MET B 76 2.54 -27.57 -1.54
CA MET B 76 2.37 -27.60 -2.98
C MET B 76 2.83 -26.30 -3.60
N GLU B 77 3.63 -26.41 -4.66
CA GLU B 77 4.07 -25.25 -5.41
C GLU B 77 2.87 -24.51 -5.99
N ALA B 78 2.82 -23.20 -5.75
CA ALA B 78 1.70 -22.38 -6.21
C ALA B 78 2.09 -21.38 -7.28
N ALA B 79 3.21 -20.70 -7.13
CA ALA B 79 3.66 -19.73 -8.11
C ALA B 79 5.18 -19.66 -8.08
N ARG B 80 5.76 -19.19 -9.17
CA ARG B 80 7.21 -19.06 -9.25
C ARG B 80 7.56 -17.74 -9.93
N TRP B 81 8.74 -17.22 -9.57
CA TRP B 81 9.25 -15.96 -10.10
C TRP B 81 10.62 -16.19 -10.70
N VAL B 82 10.79 -15.86 -11.97
CA VAL B 82 12.10 -15.89 -12.61
C VAL B 82 12.41 -14.49 -13.09
N GLN B 83 11.61 -14.00 -14.03
CA GLN B 83 11.57 -12.60 -14.42
C GLN B 83 10.17 -12.02 -14.32
N LEU B 84 9.16 -12.82 -14.64
CA LEU B 84 7.76 -12.51 -14.41
C LEU B 84 7.20 -13.56 -13.46
N GLU B 85 5.88 -13.52 -13.26
CA GLU B 85 5.23 -14.45 -12.36
C GLU B 85 4.41 -15.47 -13.14
N GLU B 86 4.60 -16.74 -12.81
CA GLU B 86 3.79 -17.82 -13.35
C GLU B 86 3.05 -18.50 -12.20
N ASN B 87 1.76 -18.75 -12.40
CA ASN B 87 0.93 -19.38 -11.39
C ASN B 87 0.50 -20.76 -11.88
N LEU B 88 0.35 -21.69 -10.94
CA LEU B 88 -0.02 -23.06 -11.26
C LEU B 88 -1.53 -23.20 -11.15
N GLY B 89 -2.16 -23.61 -12.26
CA GLY B 89 -3.60 -23.74 -12.30
C GLY B 89 -4.09 -25.02 -11.66
N GLU B 90 -5.42 -25.16 -11.61
CA GLU B 90 -6.04 -26.37 -11.07
C GLU B 90 -6.22 -27.37 -12.21
N ASN B 91 -5.15 -27.53 -12.99
CA ASN B 91 -5.06 -28.59 -13.99
C ASN B 91 -3.63 -29.12 -14.00
N GLY B 92 -2.80 -28.62 -13.08
CA GLY B 92 -1.41 -29.00 -13.01
C GLY B 92 -0.52 -28.36 -14.04
N ALA B 93 -0.98 -27.32 -14.74
CA ALA B 93 -0.23 -26.66 -15.79
C ALA B 93 -0.02 -25.20 -15.43
N TRP B 94 1.16 -24.67 -15.76
CA TRP B 94 1.49 -23.30 -15.41
C TRP B 94 0.78 -22.31 -16.34
N GLY B 95 0.38 -21.18 -15.77
CA GLY B 95 -0.35 -20.17 -16.53
C GLY B 95 0.57 -19.24 -17.29
N ARG B 96 -0.03 -18.22 -17.89
CA ARG B 96 0.72 -17.24 -18.66
C ARG B 96 1.64 -16.43 -17.73
N PRO B 97 2.87 -16.15 -18.15
CA PRO B 97 3.72 -15.26 -17.36
C PRO B 97 3.17 -13.85 -17.35
N HIS B 98 3.18 -13.23 -16.18
CA HIS B 98 2.58 -11.90 -16.04
C HIS B 98 3.39 -11.08 -15.04
N LEU B 99 3.28 -9.77 -15.18
CA LEU B 99 3.87 -8.86 -14.22
C LEU B 99 3.22 -9.04 -12.86
N SER B 100 4.01 -8.89 -11.80
CA SER B 100 3.57 -9.20 -10.44
C SER B 100 2.84 -7.98 -9.88
N HIS B 101 1.52 -7.99 -10.00
CA HIS B 101 0.70 -6.99 -9.33
C HIS B 101 0.40 -7.43 -7.90
N LEU B 102 0.23 -6.46 -7.02
CA LEU B 102 -0.03 -6.71 -5.61
C LEU B 102 -1.32 -6.04 -5.19
N THR B 103 -1.97 -6.60 -4.18
CA THR B 103 -3.12 -5.94 -3.57
C THR B 103 -2.62 -5.00 -2.47
N PHE B 104 -3.44 -3.99 -2.17
CA PHE B 104 -3.11 -3.04 -1.10
C PHE B 104 -3.03 -3.74 0.25
N TRP B 105 -3.97 -4.65 0.51
CA TRP B 105 -4.01 -5.36 1.78
C TRP B 105 -2.79 -6.26 1.95
N SER B 106 -2.31 -6.86 0.87
CA SER B 106 -1.13 -7.72 0.94
C SER B 106 0.08 -6.94 1.44
N LEU B 107 0.31 -5.76 0.88
CA LEU B 107 1.47 -4.97 1.29
C LEU B 107 1.28 -4.40 2.69
N LEU B 108 0.06 -3.98 3.03
CA LEU B 108 -0.20 -3.46 4.37
C LEU B 108 0.07 -4.53 5.43
N GLU B 109 -0.45 -5.74 5.22
CA GLU B 109 -0.27 -6.79 6.21
C GLU B 109 1.14 -7.35 6.18
N LEU B 110 1.81 -7.33 5.02
CA LEU B 110 3.20 -7.74 4.96
C LEU B 110 4.08 -6.79 5.76
N ARG B 111 3.83 -5.49 5.65
CA ARG B 111 4.55 -4.54 6.50
C ARG B 111 4.24 -4.77 7.97
N ARG B 112 2.98 -5.04 8.29
CA ARG B 112 2.62 -5.27 9.69
C ARG B 112 3.33 -6.48 10.28
N VAL B 113 3.40 -7.58 9.53
CA VAL B 113 4.02 -8.79 10.06
C VAL B 113 5.54 -8.70 9.97
N PHE B 114 6.07 -7.89 9.04
CA PHE B 114 7.51 -7.72 8.95
C PHE B 114 8.04 -6.81 10.06
N THR B 115 7.20 -5.90 10.54
CA THR B 115 7.62 -5.05 11.66
C THR B 115 7.88 -5.88 12.91
N LYS B 116 7.05 -6.89 13.16
CA LYS B 116 7.25 -7.83 14.25
C LYS B 116 7.95 -9.10 13.82
N GLY B 117 8.64 -9.08 12.68
CA GLY B 117 9.16 -10.31 12.10
C GLY B 117 10.31 -10.90 12.89
N THR B 118 10.49 -12.20 12.69
CA THR B 118 11.59 -12.96 13.29
C THR B 118 12.61 -13.26 12.19
N VAL B 119 13.85 -12.83 12.39
CA VAL B 119 14.88 -12.92 11.37
C VAL B 119 15.99 -13.84 11.85
N LEU B 120 16.49 -14.68 10.95
CA LEU B 120 17.69 -15.47 11.17
C LEU B 120 18.63 -15.20 10.00
N LEU B 121 19.61 -14.32 10.22
CA LEU B 121 20.50 -13.88 9.16
C LEU B 121 21.85 -14.56 9.32
N ASP B 122 22.38 -15.07 8.20
CA ASP B 122 23.57 -15.91 8.18
C ASP B 122 23.38 -17.15 9.06
N LEU B 123 22.32 -17.90 8.77
CA LEU B 123 22.00 -19.10 9.52
C LEU B 123 22.75 -20.30 8.95
N GLN B 124 23.53 -20.97 9.79
CA GLN B 124 24.35 -22.11 9.35
C GLN B 124 23.54 -23.41 9.47
N GLU B 125 22.71 -23.64 8.46
CA GLU B 125 21.93 -24.88 8.36
C GLU B 125 21.97 -25.38 6.93
N THR B 126 21.94 -26.69 6.77
CA THR B 126 21.98 -27.32 5.45
C THR B 126 20.78 -28.22 5.16
N SER B 127 19.81 -28.29 6.08
CA SER B 127 18.61 -29.07 5.87
C SER B 127 17.40 -28.24 6.27
N LEU B 128 16.24 -28.59 5.74
CA LEU B 128 15.01 -27.89 6.10
C LEU B 128 14.65 -28.15 7.56
N ALA B 129 15.00 -29.34 8.08
CA ALA B 129 14.74 -29.63 9.48
C ALA B 129 15.52 -28.69 10.40
N GLY B 130 16.79 -28.44 10.07
CA GLY B 130 17.58 -27.54 10.89
C GLY B 130 17.08 -26.10 10.82
N VAL B 131 16.73 -25.64 9.63
CA VAL B 131 16.19 -24.29 9.47
C VAL B 131 14.88 -24.16 10.26
N ALA B 132 14.00 -25.16 10.15
CA ALA B 132 12.73 -25.10 10.84
C ALA B 132 12.89 -25.12 12.34
N ASN B 133 13.81 -25.95 12.85
CA ASN B 133 14.02 -26.01 14.30
C ASN B 133 14.60 -24.70 14.82
N GLN B 134 15.59 -24.12 14.12
CA GLN B 134 16.15 -22.85 14.56
C GLN B 134 15.11 -21.74 14.48
N LEU B 135 14.29 -21.74 13.44
CA LEU B 135 13.27 -20.71 13.28
C LEU B 135 12.20 -20.83 14.36
N LEU B 136 11.81 -22.04 14.73
CA LEU B 136 10.83 -22.21 15.79
C LEU B 136 11.41 -21.85 17.15
N ASP B 137 12.69 -22.16 17.38
CA ASP B 137 13.34 -21.72 18.61
C ASP B 137 13.36 -20.20 18.70
N ARG B 138 13.62 -19.52 17.59
CA ARG B 138 13.62 -18.06 17.62
C ARG B 138 12.19 -17.51 17.71
N PHE B 139 11.22 -18.24 17.16
CA PHE B 139 9.81 -17.87 17.32
C PHE B 139 9.40 -17.90 18.78
N ILE B 140 9.80 -18.96 19.49
CA ILE B 140 9.46 -19.08 20.90
C ILE B 140 10.22 -18.05 21.73
N PHE B 141 11.48 -17.77 21.34
CA PHE B 141 12.25 -16.76 22.05
C PHE B 141 11.63 -15.38 21.92
N GLU B 142 11.10 -15.06 20.74
CA GLU B 142 10.48 -13.77 20.52
C GLU B 142 9.00 -13.74 20.88
N ASP B 143 8.49 -14.81 21.49
CA ASP B 143 7.11 -14.91 21.96
C ASP B 143 6.11 -14.79 20.82
N GLN B 144 6.55 -15.12 19.59
CA GLN B 144 5.63 -15.12 18.45
C GLN B 144 4.65 -16.27 18.51
N ILE B 145 5.09 -17.45 18.95
CA ILE B 145 4.25 -18.61 19.10
C ILE B 145 4.40 -19.14 20.53
N ARG B 146 3.41 -19.89 20.96
CA ARG B 146 3.44 -20.52 22.27
C ARG B 146 4.25 -21.81 22.21
N PRO B 147 4.79 -22.25 23.35
CA PRO B 147 5.50 -23.54 23.36
C PRO B 147 4.63 -24.73 22.99
N GLN B 148 3.31 -24.63 23.14
CA GLN B 148 2.43 -25.71 22.72
C GLN B 148 2.10 -25.66 21.23
N ASP B 149 2.48 -24.60 20.53
CA ASP B 149 2.33 -24.54 19.08
C ASP B 149 3.52 -25.13 18.34
N ARG B 150 4.65 -25.33 19.02
CA ARG B 150 5.92 -25.58 18.35
C ARG B 150 5.92 -26.93 17.64
N GLU B 151 5.40 -27.97 18.30
CA GLU B 151 5.45 -29.31 17.71
C GLU B 151 4.55 -29.42 16.49
N GLU B 152 3.35 -28.84 16.58
CA GLU B 152 2.46 -28.84 15.42
C GLU B 152 3.03 -28.01 14.27
N LEU B 153 3.65 -26.87 14.58
CA LEU B 153 4.29 -26.08 13.53
C LEU B 153 5.47 -26.83 12.91
N LEU B 154 6.22 -27.56 13.72
CA LEU B 154 7.34 -28.34 13.20
C LEU B 154 6.85 -29.47 12.32
N ARG B 155 5.74 -30.10 12.69
CA ARG B 155 5.15 -31.11 11.82
C ARG B 155 4.71 -30.50 10.50
N ALA B 156 4.09 -29.33 10.55
CA ALA B 156 3.64 -28.68 9.31
C ALA B 156 4.81 -28.28 8.42
N LEU B 157 5.86 -27.71 9.01
CA LEU B 157 6.98 -27.23 8.20
C LEU B 157 7.83 -28.36 7.64
N LEU B 158 7.74 -29.56 8.21
CA LEU B 158 8.51 -30.70 7.74
C LEU B 158 7.67 -31.68 6.94
N LEU B 159 6.50 -31.27 6.47
CA LEU B 159 5.70 -32.09 5.58
C LEU B 159 6.38 -32.19 4.21
N LYS B 160 5.83 -33.07 3.37
CA LYS B 160 6.38 -33.26 2.04
C LYS B 160 6.11 -32.05 1.16
N HIS B 161 7.11 -31.65 0.38
CA HIS B 161 7.00 -30.54 -0.56
C HIS B 161 6.87 -31.12 -1.97
N SER B 162 5.64 -31.22 -2.46
CA SER B 162 5.40 -31.74 -3.78
C SER B 162 5.45 -30.62 -4.82
N HIS B 163 5.69 -31.00 -6.07
CA HIS B 163 5.79 -30.05 -7.16
C HIS B 163 4.79 -30.41 -8.26
N ALA B 164 4.74 -29.55 -9.28
CA ALA B 164 3.65 -29.59 -10.25
C ALA B 164 3.58 -30.91 -11.01
N GLY B 165 4.72 -31.58 -11.17
CA GLY B 165 4.71 -32.85 -11.89
C GLY B 165 3.89 -33.92 -11.20
N GLU B 166 3.91 -33.93 -9.86
CA GLU B 166 3.19 -34.94 -9.10
C GLU B 166 1.71 -34.61 -8.91
N LEU B 167 1.26 -33.44 -9.36
CA LEU B 167 -0.12 -33.03 -9.11
C LEU B 167 -1.11 -33.94 -9.82
N GLU B 168 -0.80 -34.36 -11.05
CA GLU B 168 -1.66 -35.28 -11.76
C GLU B 168 -1.73 -36.64 -11.08
N ALA B 169 -0.59 -37.11 -10.55
CA ALA B 169 -0.54 -38.38 -9.85
C ALA B 169 -1.22 -38.34 -8.49
N LEU B 170 -1.43 -37.16 -7.91
CA LEU B 170 -2.06 -37.01 -6.61
C LEU B 170 -3.56 -36.81 -6.69
N GLY B 171 -4.12 -36.72 -7.90
CA GLY B 171 -5.55 -36.56 -8.06
C GLY B 171 -6.11 -35.25 -7.55
N GLY B 172 -5.44 -34.13 -7.85
CA GLY B 172 -5.92 -32.83 -7.44
C GLY B 172 -5.40 -32.42 -6.07
N VAL B 173 -5.73 -31.18 -5.72
CA VAL B 173 -5.25 -30.56 -4.48
C VAL B 173 -6.23 -29.47 -4.07
N LYS B 174 -6.52 -29.40 -2.78
CA LYS B 174 -7.39 -28.36 -2.26
C LYS B 174 -6.73 -27.66 -1.07
N PRO B 175 -7.01 -26.38 -0.87
CA PRO B 175 -6.41 -25.65 0.26
C PRO B 175 -6.80 -26.26 1.60
N ALA B 176 -5.86 -26.22 2.53
CA ALA B 176 -6.06 -26.84 3.83
C ALA B 176 -5.63 -25.87 4.93
N VAL B 177 -6.22 -26.05 6.10
CA VAL B 177 -5.92 -25.23 7.27
C VAL B 177 -5.35 -26.13 8.36
N LEU B 178 -4.24 -25.69 8.94
CA LEU B 178 -3.49 -26.46 9.92
C LEU B 178 -4.17 -26.36 11.28
N THR B 179 -4.52 -27.51 11.85
CA THR B 179 -5.19 -27.58 13.14
C THR B 179 -4.36 -28.41 14.11
N ARG B 180 -4.28 -27.93 15.35
CA ARG B 180 -3.51 -28.62 16.40
C ARG B 180 -4.25 -29.88 16.80
N SER B 181 -3.81 -31.01 16.27
CA SER B 181 -4.41 -32.30 16.59
C SER B 181 -3.37 -33.41 16.56
N HIS B 192 -12.91 -20.11 -2.57
CA HIS B 192 -12.91 -19.54 -3.91
C HIS B 192 -11.51 -19.57 -4.53
N SER B 193 -11.45 -19.60 -5.85
CA SER B 193 -10.16 -19.60 -6.53
C SER B 193 -9.54 -18.21 -6.49
N SER B 194 -8.22 -18.18 -6.62
CA SER B 194 -7.49 -16.93 -6.57
C SER B 194 -7.63 -16.15 -7.87
N LEU B 195 -7.36 -14.84 -7.81
CA LEU B 195 -7.50 -14.00 -8.98
C LEU B 195 -6.50 -14.35 -10.06
N GLU B 196 -5.26 -14.66 -9.67
CA GLU B 196 -4.22 -14.98 -10.65
C GLU B 196 -4.56 -16.27 -11.39
N THR B 197 -5.06 -17.27 -10.68
CA THR B 197 -5.48 -18.51 -11.34
C THR B 197 -6.66 -18.26 -12.27
N GLN B 198 -7.59 -17.40 -11.86
CA GLN B 198 -8.75 -17.08 -12.68
C GLN B 198 -8.35 -16.37 -13.96
N LEU B 199 -7.39 -15.45 -13.88
CA LEU B 199 -7.07 -14.58 -15.00
C LEU B 199 -5.88 -15.02 -15.84
N PHE B 200 -5.11 -16.01 -15.39
CA PHE B 200 -3.94 -16.42 -16.14
C PHE B 200 -3.80 -17.92 -16.35
N CYS B 201 -4.52 -18.75 -15.59
CA CYS B 201 -4.30 -20.18 -15.62
C CYS B 201 -5.45 -20.98 -16.24
N GLU B 202 -6.56 -20.35 -16.57
CA GLU B 202 -7.72 -21.09 -17.07
C GLU B 202 -7.43 -21.68 -18.46
N GLN B 203 -6.81 -20.90 -19.32
CA GLN B 203 -6.50 -21.36 -20.68
C GLN B 203 -5.25 -22.22 -20.71
N ILE B 216 12.35 -23.18 -17.87
CA ILE B 216 12.69 -22.78 -16.51
C ILE B 216 14.20 -22.64 -16.39
N LEU B 217 14.89 -23.79 -16.36
CA LEU B 217 16.34 -23.79 -16.25
C LEU B 217 16.99 -23.05 -17.41
N GLU B 218 16.32 -23.03 -18.56
CA GLU B 218 16.82 -22.22 -19.68
C GLU B 218 16.79 -20.74 -19.34
N LYS B 219 15.74 -20.28 -18.65
CA LYS B 219 15.61 -18.87 -18.30
C LYS B 219 16.44 -18.45 -17.09
N ILE B 220 16.64 -19.35 -16.13
CA ILE B 220 17.32 -19.02 -14.88
C ILE B 220 18.79 -18.75 -15.13
N PRO B 221 19.32 -17.61 -14.68
CA PRO B 221 20.76 -17.33 -14.84
C PRO B 221 21.61 -18.34 -14.09
N PRO B 222 22.87 -18.54 -14.51
CA PRO B 222 23.68 -19.61 -13.92
C PRO B 222 23.98 -19.46 -12.43
N ASP B 223 24.43 -18.29 -12.00
CA ASP B 223 24.79 -18.08 -10.60
C ASP B 223 23.61 -17.55 -9.78
N SER B 224 22.50 -18.26 -9.84
CA SER B 224 21.25 -17.82 -9.22
C SER B 224 20.95 -18.66 -7.99
N GLU B 225 20.40 -18.02 -6.96
CA GLU B 225 20.02 -18.68 -5.73
C GLU B 225 18.52 -18.56 -5.52
N ALA B 226 17.96 -19.55 -4.83
CA ALA B 226 16.52 -19.66 -4.69
C ALA B 226 16.01 -19.01 -3.41
N THR B 227 14.80 -18.47 -3.48
CA THR B 227 14.06 -18.02 -2.31
C THR B 227 12.78 -18.84 -2.21
N LEU B 228 12.58 -19.47 -1.07
CA LEU B 228 11.39 -20.28 -0.81
C LEU B 228 10.46 -19.50 0.10
N VAL B 229 9.20 -19.36 -0.30
CA VAL B 229 8.18 -18.71 0.51
C VAL B 229 7.16 -19.77 0.91
N LEU B 230 7.06 -20.01 2.20
CA LEU B 230 6.11 -20.97 2.75
C LEU B 230 4.95 -20.22 3.38
N VAL B 231 3.74 -20.56 2.97
CA VAL B 231 2.52 -19.85 3.37
C VAL B 231 1.50 -20.87 3.83
N GLY B 232 0.91 -20.64 5.00
CA GLY B 232 -0.09 -21.55 5.53
C GLY B 232 -0.98 -20.87 6.54
N ARG B 233 -2.14 -21.47 6.76
CA ARG B 233 -3.10 -21.01 7.74
C ARG B 233 -3.12 -21.98 8.91
N ALA B 234 -2.89 -21.48 10.11
CA ALA B 234 -2.91 -22.28 11.33
C ALA B 234 -3.90 -21.65 12.30
N ASP B 235 -5.03 -22.33 12.53
CA ASP B 235 -6.10 -21.74 13.32
C ASP B 235 -5.76 -21.67 14.81
N PHE B 236 -4.73 -22.36 15.25
CA PHE B 236 -4.35 -22.35 16.66
C PHE B 236 -3.36 -21.25 17.01
N LEU B 237 -2.93 -20.45 16.06
CA LEU B 237 -2.03 -19.35 16.33
C LEU B 237 -2.83 -18.11 16.72
N GLU B 238 -2.29 -17.34 17.67
CA GLU B 238 -2.97 -16.12 18.09
C GLU B 238 -2.88 -15.04 17.02
N GLN B 239 -1.71 -14.87 16.43
CA GLN B 239 -1.44 -13.81 15.48
C GLN B 239 -0.68 -14.37 14.29
N PRO B 240 -0.72 -13.70 13.14
CA PRO B 240 0.17 -14.06 12.04
C PRO B 240 1.62 -13.81 12.43
N VAL B 241 2.49 -14.71 11.96
CA VAL B 241 3.92 -14.63 12.23
C VAL B 241 4.68 -14.68 10.91
N LEU B 242 5.76 -13.93 10.84
CA LEU B 242 6.66 -13.93 9.69
C LEU B 242 8.02 -14.45 10.10
N GLY B 243 8.56 -15.38 9.32
CA GLY B 243 9.92 -15.83 9.50
C GLY B 243 10.77 -15.54 8.28
N PHE B 244 11.84 -14.79 8.45
CA PHE B 244 12.79 -14.50 7.37
C PHE B 244 14.12 -15.14 7.73
N VAL B 245 14.63 -15.98 6.84
CA VAL B 245 15.89 -16.68 7.05
C VAL B 245 16.79 -16.45 5.85
N ARG B 246 17.99 -15.94 6.10
CA ARG B 246 19.06 -15.93 5.11
C ARG B 246 20.13 -16.90 5.57
N LEU B 247 20.39 -17.92 4.77
CA LEU B 247 21.39 -18.92 5.12
C LEU B 247 22.78 -18.34 5.02
N GLN B 248 23.72 -18.95 5.75
CA GLN B 248 25.12 -18.54 5.68
C GLN B 248 25.68 -18.78 4.28
N GLU B 249 25.31 -19.90 3.67
CA GLU B 249 25.61 -20.18 2.27
C GLU B 249 24.42 -20.91 1.66
N ALA B 250 24.30 -20.84 0.34
CA ALA B 250 23.20 -21.49 -0.35
C ALA B 250 23.29 -23.00 -0.20
N ALA B 251 22.14 -23.65 -0.07
CA ALA B 251 22.09 -25.08 0.21
C ALA B 251 21.05 -25.75 -0.66
N GLU B 252 21.33 -27.01 -1.02
CA GLU B 252 20.39 -27.85 -1.74
C GLU B 252 19.66 -28.72 -0.72
N LEU B 253 18.51 -28.24 -0.28
CA LEU B 253 17.75 -28.94 0.74
C LEU B 253 17.09 -30.17 0.14
N GLU B 254 17.37 -31.34 0.72
CA GLU B 254 16.79 -32.57 0.21
C GLU B 254 15.29 -32.61 0.41
N ALA B 255 14.80 -31.91 1.43
CA ALA B 255 13.35 -31.84 1.67
C ALA B 255 12.62 -31.12 0.54
N VAL B 256 13.19 -30.02 0.06
CA VAL B 256 12.58 -29.22 -1.01
C VAL B 256 13.59 -29.13 -2.14
N GLU B 257 13.39 -29.94 -3.18
CA GLU B 257 14.26 -29.91 -4.35
C GLU B 257 13.83 -28.75 -5.25
N LEU B 258 14.77 -27.91 -5.63
CA LEU B 258 14.57 -26.76 -6.48
C LEU B 258 15.64 -26.72 -7.58
N PRO B 259 15.39 -26.00 -8.68
CA PRO B 259 16.41 -25.89 -9.72
C PRO B 259 17.71 -25.25 -9.25
N VAL B 260 17.65 -24.39 -8.24
CA VAL B 260 18.84 -23.68 -7.73
C VAL B 260 18.87 -23.81 -6.21
N PRO B 261 20.06 -23.69 -5.62
CA PRO B 261 20.16 -23.79 -4.16
C PRO B 261 19.41 -22.66 -3.45
N ILE B 262 18.87 -22.99 -2.28
CA ILE B 262 18.04 -22.06 -1.53
C ILE B 262 18.92 -21.19 -0.65
N ARG B 263 18.72 -19.87 -0.73
CA ARG B 263 19.41 -18.91 0.12
C ARG B 263 18.49 -18.24 1.12
N PHE B 264 17.24 -17.95 0.74
CA PHE B 264 16.30 -17.26 1.61
C PHE B 264 15.08 -18.14 1.83
N LEU B 265 14.49 -18.02 3.02
CA LEU B 265 13.25 -18.69 3.35
C LEU B 265 12.27 -17.69 3.95
N PHE B 266 11.08 -17.61 3.38
CA PHE B 266 9.97 -16.83 3.93
C PHE B 266 8.96 -17.81 4.51
N VAL B 267 8.61 -17.63 5.77
CA VAL B 267 7.61 -18.45 6.43
C VAL B 267 6.51 -17.53 6.94
N LEU B 268 5.29 -17.73 6.44
CA LEU B 268 4.14 -16.89 6.77
C LEU B 268 3.01 -17.80 7.24
N LEU B 269 2.78 -17.83 8.54
CA LEU B 269 1.71 -18.62 9.13
C LEU B 269 0.84 -17.73 9.98
N GLY B 270 -0.41 -18.14 10.18
CA GLY B 270 -1.32 -17.38 11.00
C GLY B 270 -2.75 -17.89 10.93
N PRO B 271 -3.62 -17.31 11.76
CA PRO B 271 -5.04 -17.71 11.74
C PRO B 271 -5.84 -16.91 10.74
N GLU B 272 -7.10 -17.28 10.54
CA GLU B 272 -8.00 -16.50 9.71
C GLU B 272 -8.25 -15.14 10.36
N ALA B 273 -7.83 -14.08 9.70
CA ALA B 273 -8.01 -12.71 10.17
C ALA B 273 -8.51 -11.88 9.00
N PRO B 274 -9.22 -10.79 9.28
CA PRO B 274 -9.74 -9.95 8.19
C PRO B 274 -8.61 -9.30 7.40
N HIS B 275 -8.84 -9.16 6.09
CA HIS B 275 -7.92 -8.53 5.15
C HIS B 275 -6.57 -9.23 5.08
N ILE B 276 -6.52 -10.51 5.44
CA ILE B 276 -5.29 -11.30 5.37
C ILE B 276 -5.58 -12.47 4.42
N ASP B 277 -5.08 -12.36 3.20
CA ASP B 277 -5.04 -13.47 2.27
C ASP B 277 -3.58 -13.95 2.24
N TYR B 278 -3.34 -15.15 2.77
CA TYR B 278 -1.97 -15.61 2.94
C TYR B 278 -1.30 -15.92 1.60
N THR B 279 -2.09 -16.32 0.59
CA THR B 279 -1.54 -16.46 -0.75
C THR B 279 -1.06 -15.12 -1.28
N GLN B 280 -1.85 -14.06 -1.06
CA GLN B 280 -1.45 -12.74 -1.52
C GLN B 280 -0.29 -12.19 -0.69
N LEU B 281 -0.24 -12.53 0.60
CA LEU B 281 0.91 -12.15 1.41
C LEU B 281 2.18 -12.83 0.91
N GLY B 282 2.08 -14.11 0.54
CA GLY B 282 3.22 -14.79 -0.04
C GLY B 282 3.63 -14.22 -1.38
N ARG B 283 2.65 -13.84 -2.20
CA ARG B 283 2.97 -13.18 -3.47
C ARG B 283 3.67 -11.85 -3.24
N ALA B 284 3.24 -11.11 -2.22
CA ALA B 284 3.90 -9.84 -1.89
C ALA B 284 5.35 -10.07 -1.45
N ALA B 285 5.57 -11.08 -0.60
CA ALA B 285 6.93 -11.41 -0.18
C ALA B 285 7.79 -11.85 -1.36
N ALA B 286 7.20 -12.64 -2.26
CA ALA B 286 7.94 -13.12 -3.43
C ALA B 286 8.30 -11.97 -4.37
N THR B 287 7.37 -11.04 -4.59
CA THR B 287 7.65 -9.87 -5.41
C THR B 287 8.69 -8.99 -4.75
N LEU B 288 8.66 -8.90 -3.41
CA LEU B 288 9.68 -8.17 -2.69
C LEU B 288 11.06 -8.78 -2.90
N MET B 289 11.16 -10.10 -2.85
CA MET B 289 12.44 -10.76 -3.09
C MET B 289 12.86 -10.68 -4.55
N SER B 290 11.91 -10.57 -5.47
CA SER B 290 12.23 -10.49 -6.90
C SER B 290 12.80 -9.14 -7.29
N GLU B 291 12.58 -8.10 -6.48
CA GLU B 291 13.04 -6.76 -6.81
C GLU B 291 14.51 -6.62 -6.44
N ARG B 292 15.26 -5.92 -7.29
CA ARG B 292 16.72 -5.93 -7.18
C ARG B 292 17.21 -5.22 -5.92
N VAL B 293 16.65 -4.05 -5.61
CA VAL B 293 17.15 -3.27 -4.49
C VAL B 293 16.88 -3.98 -3.17
N PHE B 294 15.67 -4.50 -2.99
CA PHE B 294 15.39 -5.26 -1.78
C PHE B 294 16.22 -6.53 -1.70
N ARG B 295 16.46 -7.20 -2.83
CA ARG B 295 17.27 -8.41 -2.80
C ARG B 295 18.70 -8.10 -2.38
N ILE B 296 19.27 -7.00 -2.89
CA ILE B 296 20.60 -6.59 -2.49
C ILE B 296 20.64 -6.28 -1.00
N ASP B 297 19.64 -5.55 -0.52
CA ASP B 297 19.59 -5.23 0.91
C ASP B 297 19.42 -6.47 1.77
N ALA B 298 18.64 -7.44 1.29
CA ALA B 298 18.44 -8.68 2.04
C ALA B 298 19.71 -9.50 2.11
N TYR B 299 20.50 -9.49 1.03
CA TYR B 299 21.84 -10.09 1.10
C TYR B 299 22.71 -9.35 2.09
N MET B 300 22.62 -8.03 2.14
CA MET B 300 23.48 -7.22 2.99
C MET B 300 22.87 -6.87 4.34
N ALA B 301 21.67 -7.38 4.65
CA ALA B 301 21.03 -7.07 5.92
C ALA B 301 21.70 -7.81 7.08
N GLN B 302 21.85 -7.13 8.20
CA GLN B 302 22.34 -7.74 9.43
C GLN B 302 21.34 -7.68 10.57
N SER B 303 20.27 -6.90 10.45
CA SER B 303 19.22 -6.83 11.46
C SER B 303 17.89 -6.66 10.76
N ARG B 304 16.82 -6.78 11.54
CA ARG B 304 15.48 -6.60 11.00
C ARG B 304 15.25 -5.16 10.56
N GLY B 305 15.93 -4.20 11.18
CA GLY B 305 15.71 -2.80 10.86
C GLY B 305 16.12 -2.46 9.44
N GLU B 306 17.20 -3.05 8.95
CA GLU B 306 17.62 -2.80 7.57
C GLU B 306 16.62 -3.38 6.58
N LEU B 307 16.08 -4.56 6.88
CA LEU B 307 15.04 -5.14 6.04
C LEU B 307 13.79 -4.27 6.04
N LEU B 308 13.42 -3.72 7.21
CA LEU B 308 12.26 -2.85 7.28
C LEU B 308 12.49 -1.55 6.51
N HIS B 309 13.70 -1.01 6.59
CA HIS B 309 14.03 0.18 5.81
C HIS B 309 13.95 -0.08 4.31
N SER B 310 14.44 -1.25 3.87
CA SER B 310 14.35 -1.60 2.47
C SER B 310 12.90 -1.79 2.03
N LEU B 311 12.08 -2.44 2.87
CA LEU B 311 10.67 -2.61 2.56
C LEU B 311 9.95 -1.27 2.49
N GLU B 312 10.29 -0.34 3.38
CA GLU B 312 9.66 0.97 3.34
C GLU B 312 10.07 1.74 2.10
N GLY B 313 11.32 1.61 1.67
CA GLY B 313 11.71 2.20 0.39
C GLY B 313 10.98 1.57 -0.79
N PHE B 314 10.78 0.26 -0.72
CA PHE B 314 9.99 -0.46 -1.73
C PHE B 314 8.57 0.07 -1.80
N LEU B 315 7.97 0.34 -0.64
CA LEU B 315 6.63 0.92 -0.61
C LEU B 315 6.63 2.37 -1.08
N ASP B 316 7.70 3.10 -0.80
CA ASP B 316 7.85 4.45 -1.33
C ASP B 316 7.84 4.44 -2.85
N CYS B 317 8.48 3.44 -3.45
CA CYS B 317 8.57 3.36 -4.90
C CYS B 317 7.43 2.54 -5.52
N SER B 318 6.42 2.20 -4.74
CA SER B 318 5.26 1.46 -5.24
C SER B 318 4.17 2.42 -5.66
N LEU B 319 3.53 2.13 -6.78
CA LEU B 319 2.50 2.98 -7.35
C LEU B 319 1.17 2.25 -7.35
N VAL B 320 0.11 2.94 -6.93
CA VAL B 320 -1.22 2.36 -6.84
C VAL B 320 -2.07 2.92 -7.97
N LEU B 321 -2.68 2.02 -8.74
CA LEU B 321 -3.67 2.41 -9.74
C LEU B 321 -5.06 2.22 -9.15
N PRO B 322 -5.82 3.29 -8.93
CA PRO B 322 -7.17 3.14 -8.38
C PRO B 322 -8.09 2.53 -9.43
N PRO B 323 -9.25 2.01 -9.03
CA PRO B 323 -10.21 1.52 -10.03
C PRO B 323 -10.72 2.66 -10.89
N THR B 324 -10.35 2.67 -12.17
CA THR B 324 -10.66 3.76 -13.08
C THR B 324 -11.56 3.25 -14.20
N ASP B 325 -12.40 4.14 -14.70
CA ASP B 325 -13.35 3.82 -15.76
C ASP B 325 -12.74 3.86 -17.16
N ALA B 326 -11.46 4.18 -17.26
CA ALA B 326 -10.80 4.28 -18.55
C ALA B 326 -10.63 2.91 -19.19
N PRO B 327 -10.45 2.85 -20.51
CA PRO B 327 -10.06 1.60 -21.15
C PRO B 327 -8.74 1.08 -20.59
N SER B 328 -8.61 -0.25 -20.57
CA SER B 328 -7.52 -0.89 -19.83
C SER B 328 -6.16 -0.51 -20.38
N GLU B 329 -6.01 -0.48 -21.71
CA GLU B 329 -4.69 -0.22 -22.29
C GLU B 329 -4.21 1.18 -21.96
N GLN B 330 -5.11 2.17 -22.02
CA GLN B 330 -4.71 3.54 -21.69
C GLN B 330 -4.44 3.68 -20.19
N ALA B 331 -5.25 3.03 -19.36
CA ALA B 331 -5.06 3.11 -17.92
C ALA B 331 -3.73 2.50 -17.51
N LEU B 332 -3.34 1.37 -18.12
CA LEU B 332 -2.05 0.77 -17.82
C LEU B 332 -0.91 1.61 -18.38
N LEU B 333 -1.04 2.09 -19.63
CA LEU B 333 0.05 2.82 -20.26
C LEU B 333 0.25 4.21 -19.67
N SER B 334 -0.73 4.73 -18.93
CA SER B 334 -0.52 5.96 -18.21
C SER B 334 0.47 5.79 -17.07
N LEU B 335 0.68 4.56 -16.61
CA LEU B 335 1.60 4.28 -15.51
C LEU B 335 3.06 4.24 -15.94
N VAL B 336 3.35 4.27 -17.24
CA VAL B 336 4.74 4.13 -17.70
C VAL B 336 5.56 5.37 -17.35
N PRO B 337 5.21 6.59 -17.79
CA PRO B 337 6.07 7.74 -17.41
C PRO B 337 6.09 8.01 -15.92
N VAL B 338 4.97 7.78 -15.23
CA VAL B 338 4.92 8.02 -13.79
C VAL B 338 5.86 7.07 -13.06
N GLN B 339 5.83 5.79 -13.43
CA GLN B 339 6.73 4.83 -12.81
C GLN B 339 8.18 5.10 -13.18
N ARG B 340 8.43 5.55 -14.42
CA ARG B 340 9.79 5.88 -14.80
C ARG B 340 10.34 7.03 -13.96
N GLU B 341 9.52 8.07 -13.76
CA GLU B 341 9.96 9.20 -12.94
C GLU B 341 10.08 8.81 -11.47
N LEU B 342 9.27 7.85 -11.03
CA LEU B 342 9.33 7.41 -9.63
C LEU B 342 10.56 6.55 -9.37
N LEU B 343 10.96 5.75 -10.35
CA LEU B 343 12.09 4.84 -10.21
C LEU B 343 13.37 5.38 -10.82
N ARG B 344 13.44 6.70 -11.06
CA ARG B 344 14.62 7.26 -11.71
C ARG B 344 15.88 7.15 -10.87
N ARG B 345 15.76 7.29 -9.54
CA ARG B 345 16.92 7.24 -8.67
C ARG B 345 17.06 5.94 -7.90
N ARG B 346 16.05 5.07 -7.90
CA ARG B 346 16.13 3.84 -7.13
C ARG B 346 17.20 2.90 -7.66
N TYR B 347 17.34 2.80 -8.98
CA TYR B 347 18.25 1.85 -9.60
C TYR B 347 19.51 2.52 -10.15
N GLN B 348 19.96 3.61 -9.54
CA GLN B 348 21.18 4.28 -9.97
C GLN B 348 22.37 3.82 -9.14
#